data_2R2A
#
_entry.id   2R2A
#
_cell.length_a   134.976
_cell.length_b   48.258
_cell.length_c   95.894
_cell.angle_alpha   90.00
_cell.angle_beta   134.31
_cell.angle_gamma   90.00
#
_symmetry.space_group_name_H-M   'C 1 2 1'
#
loop_
_entity.id
_entity.type
_entity.pdbx_description
1 polymer 'Uncharacterized protein'
2 non-polymer 'SULFATE ION'
3 water water
#
_entity_poly.entity_id   1
_entity_poly.type   'polypeptide(L)'
_entity_poly.pdbx_seq_one_letter_code
;SNA(MSE)AEICLITGTPGSGKTLK(MSE)VS(MSE)(MSE)ANDE(MSE)FKPDENGIRRKVFTNIKGLKIPHTYIETD
AKKLPKSTDEQLSAHD(MSE)YEWIKKPENIGSIVIVDEAQDVWPARSAGSKIPENVQWLNTHRHQGIDIFVLTQGPKLL
DQNLRTLVRKHYHIASNK(MSE)G(MSE)RTLLEWKICADDPVK(MSE)ASSAFSSIYTLDKKVYDLYESAEVHT
;
_entity_poly.pdbx_strand_id   A,B
#
loop_
_chem_comp.id
_chem_comp.type
_chem_comp.name
_chem_comp.formula
SO4 non-polymer 'SULFATE ION' 'O4 S -2'
#
# COMPACT_ATOMS: atom_id res chain seq x y z
N MSE A 4 -12.86 -19.11 2.34
CA MSE A 4 -11.92 -18.47 3.31
C MSE A 4 -10.44 -18.69 2.96
O MSE A 4 -10.10 -19.42 2.00
CB MSE A 4 -12.18 -18.94 4.74
CG MSE A 4 -13.32 -18.22 5.46
SE MSE A 4 -13.53 -19.03 7.23
CE MSE A 4 -12.95 -17.56 8.42
N ALA A 5 -9.59 -18.09 3.78
CA ALA A 5 -8.15 -18.05 3.56
C ALA A 5 -7.55 -19.46 3.48
N GLU A 6 -6.51 -19.60 2.67
CA GLU A 6 -5.81 -20.86 2.63
C GLU A 6 -4.30 -20.65 2.47
N ILE A 7 -3.55 -21.74 2.62
CA ILE A 7 -2.10 -21.76 2.36
C ILE A 7 -1.84 -22.60 1.09
N CYS A 8 -1.18 -21.96 0.16
CA CYS A 8 -0.85 -22.53 -1.15
C CYS A 8 0.66 -22.65 -1.25
N LEU A 9 1.11 -23.83 -1.69
CA LEU A 9 2.54 -24.11 -1.89
C LEU A 9 2.88 -24.20 -3.41
N ILE A 10 3.95 -23.53 -3.83
CA ILE A 10 4.39 -23.66 -5.21
C ILE A 10 5.86 -24.14 -5.15
N THR A 11 6.18 -25.24 -5.82
CA THR A 11 7.54 -25.75 -5.80
C THR A 11 8.03 -26.03 -7.22
N GLY A 12 9.34 -26.22 -7.32
CA GLY A 12 10.01 -26.44 -8.62
C GLY A 12 11.42 -25.89 -8.56
N THR A 13 12.27 -26.42 -9.42
CA THR A 13 13.68 -26.01 -9.41
C THR A 13 13.83 -24.53 -9.84
N PRO A 14 14.97 -23.90 -9.50
CA PRO A 14 15.24 -22.55 -9.98
C PRO A 14 15.16 -22.51 -11.51
N GLY A 15 14.49 -21.45 -12.00
CA GLY A 15 14.30 -21.23 -13.44
C GLY A 15 13.10 -22.00 -14.03
N SER A 16 12.38 -22.75 -13.20
CA SER A 16 11.18 -23.49 -13.68
C SER A 16 10.00 -22.56 -13.93
N GLY A 17 10.01 -21.36 -13.36
CA GLY A 17 8.96 -20.35 -13.56
C GLY A 17 7.94 -20.19 -12.44
N LYS A 18 8.39 -20.39 -11.21
CA LYS A 18 7.50 -20.30 -10.07
C LYS A 18 7.07 -18.82 -9.88
N THR A 19 8.03 -17.89 -9.92
CA THR A 19 7.67 -16.49 -9.70
C THR A 19 6.74 -15.98 -10.80
N LEU A 20 7.03 -16.31 -12.05
CA LEU A 20 6.13 -15.83 -13.15
C LEU A 20 4.73 -16.45 -13.04
N LYS A 21 4.65 -17.73 -12.65
CA LYS A 21 3.32 -18.30 -12.37
C LYS A 21 2.59 -17.53 -11.24
N MSE A 22 3.31 -17.23 -10.16
CA MSE A 22 2.74 -16.44 -9.06
C MSE A 22 2.20 -15.08 -9.53
O MSE A 22 1.06 -14.72 -9.24
CB MSE A 22 3.77 -16.31 -7.93
CG MSE A 22 3.27 -15.58 -6.66
SE MSE A 22 1.94 -16.64 -5.68
CE MSE A 22 0.27 -15.61 -6.02
N VAL A 23 3.05 -14.33 -10.25
CA VAL A 23 2.61 -13.02 -10.80
C VAL A 23 1.41 -13.18 -11.75
N SER A 24 1.42 -14.23 -12.56
CA SER A 24 0.30 -14.56 -13.46
CA SER A 24 0.29 -14.53 -13.44
C SER A 24 -1.01 -14.74 -12.65
N MSE A 25 -0.91 -15.42 -11.50
CA MSE A 25 -2.06 -15.57 -10.59
C MSE A 25 -2.51 -14.25 -10.02
O MSE A 25 -3.72 -13.96 -9.96
CB MSE A 25 -1.71 -16.57 -9.47
CG MSE A 25 -1.46 -17.96 -10.05
SE MSE A 25 -0.56 -19.19 -8.80
CE MSE A 25 -2.15 -19.46 -7.77
N MSE A 26 -1.57 -13.44 -9.59
CA MSE A 26 -1.91 -12.12 -9.06
C MSE A 26 -2.63 -11.28 -10.14
O MSE A 26 -3.46 -10.42 -9.80
CB MSE A 26 -0.67 -11.41 -8.61
CG MSE A 26 0.10 -12.12 -7.52
SE MSE A 26 1.65 -11.10 -6.98
CE MSE A 26 0.71 -9.67 -6.00
N ALA A 27 -2.30 -11.51 -11.40
CA ALA A 27 -2.86 -10.74 -12.52
C ALA A 27 -4.28 -11.19 -12.90
N ASN A 28 -4.64 -12.40 -12.46
CA ASN A 28 -5.88 -13.01 -12.90
C ASN A 28 -6.87 -13.47 -11.85
N ASP A 29 -6.35 -13.92 -10.71
CA ASP A 29 -7.15 -14.64 -9.75
C ASP A 29 -8.07 -13.69 -8.94
N GLU A 30 -9.26 -14.16 -8.60
CA GLU A 30 -10.25 -13.36 -7.84
C GLU A 30 -9.74 -12.68 -6.57
N MSE A 31 -8.89 -13.37 -5.79
CA MSE A 31 -8.50 -12.79 -4.48
C MSE A 31 -7.71 -11.50 -4.58
O MSE A 31 -7.66 -10.73 -3.62
CB MSE A 31 -7.79 -13.81 -3.56
CG MSE A 31 -6.43 -14.32 -4.04
SE MSE A 31 -5.49 -15.13 -2.51
CE MSE A 31 -6.38 -16.82 -2.66
N PHE A 32 -7.11 -11.24 -5.74
CA PHE A 32 -6.29 -10.07 -5.97
C PHE A 32 -7.02 -8.86 -6.57
N LYS A 33 -8.29 -9.05 -6.92
CA LYS A 33 -9.05 -8.02 -7.59
C LYS A 33 -9.56 -7.04 -6.54
N PRO A 34 -9.87 -5.79 -6.98
CA PRO A 34 -10.40 -4.81 -6.01
C PRO A 34 -11.82 -5.21 -5.61
N ASP A 35 -12.20 -4.89 -4.37
CA ASP A 35 -13.52 -5.20 -3.87
C ASP A 35 -14.55 -4.16 -4.39
N GLU A 36 -15.74 -4.15 -3.78
CA GLU A 36 -16.85 -3.32 -4.24
C GLU A 36 -16.56 -1.81 -4.04
N ASN A 37 -15.51 -1.48 -3.27
CA ASN A 37 -15.11 -0.10 -2.97
C ASN A 37 -13.82 0.30 -3.68
N GLY A 38 -13.35 -0.55 -4.58
CA GLY A 38 -12.13 -0.28 -5.31
C GLY A 38 -10.86 -0.63 -4.55
N ILE A 39 -10.99 -1.37 -3.44
CA ILE A 39 -9.87 -1.67 -2.56
C ILE A 39 -9.37 -3.09 -2.83
N ARG A 40 -8.08 -3.20 -3.13
CA ARG A 40 -7.42 -4.52 -3.21
C ARG A 40 -6.92 -4.96 -1.85
N ARG A 41 -6.89 -6.27 -1.60
CA ARG A 41 -6.30 -6.78 -0.35
C ARG A 41 -4.81 -6.42 -0.33
N LYS A 42 -4.32 -6.00 0.84
CA LYS A 42 -2.92 -5.64 1.01
C LYS A 42 -2.07 -6.89 0.78
N VAL A 43 -0.97 -6.74 0.02
CA VAL A 43 -0.03 -7.84 -0.29
C VAL A 43 1.34 -7.62 0.41
N PHE A 44 1.79 -8.60 1.18
CA PHE A 44 3.13 -8.57 1.78
C PHE A 44 3.97 -9.56 1.00
N THR A 45 5.13 -9.14 0.55
CA THR A 45 5.98 -10.10 -0.16
C THR A 45 7.43 -9.72 -0.11
N ASN A 46 8.30 -10.68 -0.39
CA ASN A 46 9.74 -10.42 -0.54
C ASN A 46 10.16 -10.51 -2.02
N ILE A 47 9.20 -10.71 -2.93
CA ILE A 47 9.54 -10.84 -4.36
C ILE A 47 10.05 -9.51 -4.92
N LYS A 48 11.24 -9.51 -5.52
CA LYS A 48 11.85 -8.27 -6.02
C LYS A 48 11.43 -8.04 -7.47
N GLY A 49 11.25 -6.79 -7.84
CA GLY A 49 10.95 -6.44 -9.21
C GLY A 49 9.47 -6.53 -9.51
N LEU A 50 8.68 -6.76 -8.46
CA LEU A 50 7.22 -6.85 -8.58
C LEU A 50 6.63 -5.44 -8.66
N LYS A 51 5.88 -5.16 -9.71
CA LYS A 51 5.34 -3.83 -9.98
C LYS A 51 3.97 -3.56 -9.33
N ILE A 52 3.25 -4.64 -9.03
CA ILE A 52 1.96 -4.60 -8.36
C ILE A 52 2.23 -4.07 -6.95
N PRO A 53 1.47 -3.04 -6.51
CA PRO A 53 1.70 -2.48 -5.18
C PRO A 53 1.69 -3.55 -4.09
N HIS A 54 2.65 -3.46 -3.18
CA HIS A 54 2.78 -4.43 -2.12
C HIS A 54 3.62 -3.81 -1.02
N THR A 55 3.66 -4.48 0.12
CA THR A 55 4.58 -4.12 1.18
C THR A 55 5.70 -5.14 1.27
N TYR A 56 6.94 -4.67 1.24
CA TYR A 56 8.13 -5.53 1.36
C TYR A 56 8.26 -6.13 2.75
N ILE A 57 8.53 -7.43 2.79
CA ILE A 57 8.93 -8.10 4.03
C ILE A 57 10.35 -8.70 3.92
N GLU A 58 11.16 -8.47 4.96
CA GLU A 58 12.53 -9.00 5.04
C GLU A 58 12.54 -10.43 5.56
N THR A 59 13.09 -11.34 4.76
CA THR A 59 13.15 -12.74 5.17
C THR A 59 14.52 -13.19 5.68
N ASP A 60 15.54 -12.35 5.54
CA ASP A 60 16.88 -12.70 6.02
C ASP A 60 17.00 -12.27 7.47
N ALA A 61 16.98 -13.24 8.39
CA ALA A 61 16.97 -12.91 9.80
C ALA A 61 18.22 -12.17 10.28
N LYS A 62 19.33 -12.26 9.56
CA LYS A 62 20.50 -11.49 9.96
C LYS A 62 20.31 -10.02 9.60
N LYS A 63 19.60 -9.76 8.51
CA LYS A 63 19.36 -8.38 8.10
C LYS A 63 18.33 -7.69 9.01
N LEU A 64 17.22 -8.39 9.30
CA LEU A 64 16.20 -7.85 10.20
C LEU A 64 15.50 -9.00 10.93
N PRO A 65 15.90 -9.28 12.18
CA PRO A 65 15.28 -10.40 12.90
C PRO A 65 13.94 -10.06 13.54
N LYS A 66 13.73 -8.76 13.80
CA LYS A 66 12.49 -8.22 14.35
CA LYS A 66 12.45 -8.27 14.29
C LYS A 66 12.04 -7.05 13.51
N SER A 67 10.73 -6.77 13.48
CA SER A 67 10.19 -5.58 12.85
C SER A 67 10.42 -4.32 13.72
N THR A 68 10.28 -3.16 13.07
CA THR A 68 10.36 -1.85 13.72
C THR A 68 9.10 -1.13 13.29
N ASP A 69 8.87 0.09 13.79
CA ASP A 69 7.76 0.88 13.22
C ASP A 69 8.00 1.27 11.75
N GLU A 70 9.24 1.08 11.27
CA GLU A 70 9.61 1.40 9.86
C GLU A 70 9.72 0.21 8.86
N GLN A 71 10.29 -0.91 9.28
CA GLN A 71 10.43 -2.05 8.34
C GLN A 71 9.91 -3.33 8.97
N LEU A 72 9.34 -4.17 8.11
CA LEU A 72 8.78 -5.43 8.55
C LEU A 72 9.71 -6.59 8.26
N SER A 73 9.87 -7.43 9.27
CA SER A 73 10.58 -8.67 9.13
C SER A 73 9.55 -9.77 8.95
N ALA A 74 9.86 -10.77 8.13
CA ALA A 74 8.96 -11.92 8.03
C ALA A 74 9.00 -12.71 9.35
N HIS A 75 10.03 -12.46 10.15
CA HIS A 75 10.33 -13.30 11.30
C HIS A 75 9.47 -13.05 12.51
N ASP A 76 8.86 -11.85 12.62
CA ASP A 76 7.88 -11.64 13.67
C ASP A 76 6.50 -11.35 13.07
N MSE A 77 6.17 -12.04 11.98
CA MSE A 77 4.87 -11.93 11.33
C MSE A 77 3.75 -12.23 12.31
O MSE A 77 2.68 -11.63 12.23
CB MSE A 77 4.77 -12.88 10.14
CG MSE A 77 3.60 -12.61 9.18
SE MSE A 77 3.67 -13.81 7.65
CE MSE A 77 5.26 -13.12 6.79
N TYR A 78 4.01 -13.18 13.21
CA TYR A 78 3.04 -13.54 14.23
C TYR A 78 2.58 -12.31 15.04
N GLU A 79 3.41 -11.27 15.10
CA GLU A 79 3.08 -10.05 15.83
C GLU A 79 2.25 -9.10 14.95
N TRP A 80 2.89 -8.49 13.96
CA TRP A 80 2.22 -7.49 13.12
C TRP A 80 1.05 -7.98 12.25
N ILE A 81 0.98 -9.28 11.92
CA ILE A 81 -0.13 -9.80 11.10
C ILE A 81 -1.51 -9.67 11.80
N LYS A 82 -1.50 -9.57 13.13
CA LYS A 82 -2.73 -9.52 13.92
C LYS A 82 -3.29 -8.10 14.08
N LYS A 83 -2.53 -7.11 13.61
CA LYS A 83 -2.99 -5.73 13.72
C LYS A 83 -3.95 -5.30 12.62
N PRO A 84 -5.06 -4.63 13.03
CA PRO A 84 -6.19 -4.24 12.19
C PRO A 84 -5.90 -3.85 10.75
N GLU A 85 -4.87 -3.05 10.49
CA GLU A 85 -4.61 -2.61 9.12
C GLU A 85 -4.18 -3.79 8.24
N ASN A 86 -3.80 -4.89 8.88
CA ASN A 86 -3.26 -6.09 8.19
C ASN A 86 -4.20 -7.30 8.10
N ILE A 87 -5.37 -7.24 8.73
CA ILE A 87 -6.34 -8.33 8.65
C ILE A 87 -6.83 -8.49 7.20
N GLY A 88 -7.05 -9.74 6.80
CA GLY A 88 -7.50 -10.08 5.46
C GLY A 88 -6.44 -9.84 4.38
N SER A 89 -5.17 -9.82 4.75
CA SER A 89 -4.12 -9.51 3.79
C SER A 89 -3.64 -10.80 3.11
N ILE A 90 -2.75 -10.64 2.15
CA ILE A 90 -2.20 -11.78 1.40
C ILE A 90 -0.68 -11.79 1.58
N VAL A 91 -0.08 -12.94 1.89
CA VAL A 91 1.35 -12.95 2.15
C VAL A 91 1.97 -13.88 1.12
N ILE A 92 3.00 -13.45 0.39
CA ILE A 92 3.65 -14.32 -0.62
C ILE A 92 5.14 -14.35 -0.27
N VAL A 93 5.65 -15.54 0.05
CA VAL A 93 7.01 -15.61 0.55
C VAL A 93 7.79 -16.44 -0.46
N ASP A 94 8.71 -15.81 -1.15
CA ASP A 94 9.59 -16.54 -2.06
C ASP A 94 10.76 -17.16 -1.25
N GLU A 95 11.19 -18.34 -1.66
CA GLU A 95 12.25 -19.10 -0.95
C GLU A 95 11.89 -19.17 0.54
N ALA A 96 10.71 -19.72 0.80
CA ALA A 96 10.09 -19.67 2.11
C ALA A 96 10.85 -20.43 3.19
N GLN A 97 11.79 -21.30 2.81
CA GLN A 97 12.60 -22.01 3.78
C GLN A 97 13.44 -21.05 4.61
N ASP A 98 13.56 -19.80 4.16
CA ASP A 98 14.23 -18.74 4.92
C ASP A 98 13.44 -18.28 6.16
N VAL A 99 12.13 -18.54 6.16
CA VAL A 99 11.24 -18.08 7.24
C VAL A 99 10.78 -19.28 8.06
N TRP A 100 10.41 -20.37 7.36
CA TRP A 100 9.80 -21.56 7.93
C TRP A 100 10.53 -22.82 7.48
N PRO A 101 11.82 -22.96 7.89
CA PRO A 101 12.59 -24.13 7.48
C PRO A 101 12.06 -25.40 8.18
N ALA A 102 12.38 -26.55 7.60
CA ALA A 102 12.20 -27.82 8.32
C ALA A 102 12.92 -27.76 9.71
N ARG A 103 12.31 -28.36 10.73
CA ARG A 103 12.90 -28.39 12.09
C ARG A 103 13.03 -29.81 12.66
N SER A 104 13.87 -30.01 13.70
CA SER A 104 13.99 -31.32 14.35
CA SER A 104 13.99 -31.32 14.35
C SER A 104 12.64 -31.80 14.87
N ALA A 105 12.43 -33.13 14.85
CA ALA A 105 11.22 -33.75 15.38
C ALA A 105 11.07 -33.44 16.87
N GLY A 106 9.87 -33.03 17.27
CA GLY A 106 9.56 -32.82 18.68
C GLY A 106 10.33 -31.70 19.37
N SER A 107 10.88 -30.78 18.59
CA SER A 107 11.46 -29.56 19.14
C SER A 107 10.33 -28.58 19.42
N LYS A 108 10.59 -27.61 20.29
CA LYS A 108 9.61 -26.58 20.61
C LYS A 108 9.16 -25.87 19.31
N ILE A 109 7.87 -25.52 19.23
CA ILE A 109 7.33 -24.87 18.04
CA ILE A 109 7.29 -24.87 18.05
C ILE A 109 7.42 -23.35 18.18
N PRO A 110 8.16 -22.70 17.25
CA PRO A 110 8.39 -21.26 17.39
C PRO A 110 7.09 -20.47 17.27
N GLU A 111 7.08 -19.27 17.85
CA GLU A 111 5.91 -18.41 17.77
CA GLU A 111 5.91 -18.41 17.78
C GLU A 111 5.52 -18.08 16.33
N ASN A 112 6.52 -17.88 15.46
CA ASN A 112 6.25 -17.56 14.04
C ASN A 112 5.69 -18.71 13.19
N VAL A 113 5.66 -19.90 13.79
CA VAL A 113 4.99 -21.06 13.20
C VAL A 113 3.65 -21.32 13.89
N GLN A 114 3.59 -21.17 15.22
CA GLN A 114 2.39 -21.53 16.01
CA GLN A 114 2.39 -21.58 15.97
C GLN A 114 1.10 -20.88 15.50
N TRP A 115 1.24 -19.65 15.00
CA TRP A 115 0.08 -18.86 14.57
C TRP A 115 -0.55 -19.33 13.27
N LEU A 116 0.22 -20.11 12.50
CA LEU A 116 -0.20 -20.48 11.16
C LEU A 116 -1.46 -21.27 11.18
N ASN A 117 -1.61 -22.15 12.16
CA ASN A 117 -2.76 -23.04 12.15
C ASN A 117 -4.06 -22.28 12.43
N THR A 118 -3.94 -21.04 12.91
CA THR A 118 -5.09 -20.14 13.06
C THR A 118 -5.08 -18.92 12.12
N HIS A 119 -4.38 -19.05 10.99
CA HIS A 119 -4.28 -17.98 9.99
C HIS A 119 -5.63 -17.53 9.41
N ARG A 120 -6.62 -18.42 9.41
CA ARG A 120 -7.97 -18.08 8.92
CA ARG A 120 -7.97 -18.08 8.92
C ARG A 120 -8.70 -17.06 9.80
N HIS A 121 -8.35 -17.04 11.09
CA HIS A 121 -8.93 -16.06 12.03
C HIS A 121 -8.62 -14.67 11.54
N GLN A 122 -7.36 -14.41 11.19
CA GLN A 122 -6.94 -13.12 10.63
C GLN A 122 -7.25 -13.01 9.12
N GLY A 123 -7.93 -14.03 8.58
CA GLY A 123 -8.34 -14.10 7.17
C GLY A 123 -7.18 -13.96 6.19
N ILE A 124 -6.00 -14.44 6.57
CA ILE A 124 -4.78 -14.22 5.80
C ILE A 124 -4.53 -15.35 4.78
N ASP A 125 -4.47 -15.01 3.49
CA ASP A 125 -4.04 -15.99 2.47
C ASP A 125 -2.52 -15.99 2.36
N ILE A 126 -1.93 -17.18 2.28
CA ILE A 126 -0.49 -17.27 2.28
C ILE A 126 -0.07 -18.11 1.08
N PHE A 127 0.93 -17.64 0.33
CA PHE A 127 1.56 -18.45 -0.76
C PHE A 127 3.01 -18.64 -0.36
N VAL A 128 3.52 -19.87 -0.41
CA VAL A 128 4.94 -20.08 -0.14
C VAL A 128 5.55 -20.76 -1.37
N LEU A 129 6.65 -20.21 -1.87
CA LEU A 129 7.35 -20.77 -3.01
C LEU A 129 8.67 -21.31 -2.49
N THR A 130 9.07 -22.49 -2.98
CA THR A 130 10.36 -22.96 -2.54
C THR A 130 10.77 -23.98 -3.60
N GLN A 131 11.99 -24.48 -3.52
CA GLN A 131 12.48 -25.41 -4.49
C GLN A 131 11.99 -26.84 -4.24
N GLY A 132 11.70 -27.19 -2.99
CA GLY A 132 11.26 -28.55 -2.67
C GLY A 132 10.49 -28.52 -1.36
N PRO A 133 9.41 -29.31 -1.26
CA PRO A 133 8.58 -29.18 -0.06
C PRO A 133 9.35 -29.49 1.24
N LYS A 134 10.31 -30.42 1.19
CA LYS A 134 10.98 -30.86 2.44
C LYS A 134 11.96 -29.85 3.02
N LEU A 135 12.08 -28.70 2.37
CA LEU A 135 12.85 -27.57 2.90
C LEU A 135 12.06 -26.82 3.94
N LEU A 136 10.73 -27.10 3.99
CA LEU A 136 9.80 -26.34 4.84
C LEU A 136 9.38 -27.11 6.08
N ASP A 137 9.01 -26.36 7.11
CA ASP A 137 8.49 -26.88 8.37
C ASP A 137 7.31 -27.81 8.06
N GLN A 138 7.36 -29.04 8.59
CA GLN A 138 6.24 -29.99 8.51
C GLN A 138 4.95 -29.36 9.03
N ASN A 139 5.08 -28.48 10.01
CA ASN A 139 3.93 -27.85 10.64
C ASN A 139 3.26 -26.82 9.70
N LEU A 140 4.04 -26.26 8.78
CA LEU A 140 3.48 -25.44 7.71
C LEU A 140 2.90 -26.32 6.60
N ARG A 141 3.63 -27.39 6.25
CA ARG A 141 3.21 -28.29 5.16
CA ARG A 141 3.20 -28.27 5.15
C ARG A 141 1.87 -28.94 5.45
N THR A 142 1.65 -29.31 6.71
CA THR A 142 0.40 -29.95 7.12
CA THR A 142 0.39 -29.94 7.10
C THR A 142 -0.83 -29.07 6.84
N LEU A 143 -0.63 -27.75 6.80
CA LEU A 143 -1.72 -26.80 6.60
C LEU A 143 -2.01 -26.45 5.15
N VAL A 144 -1.17 -26.92 4.24
CA VAL A 144 -1.29 -26.58 2.82
C VAL A 144 -2.54 -27.23 2.28
N ARG A 145 -3.34 -26.47 1.53
CA ARG A 145 -4.58 -26.99 0.90
C ARG A 145 -4.56 -26.88 -0.63
N LYS A 146 -3.46 -26.36 -1.16
CA LYS A 146 -3.23 -26.37 -2.61
C LYS A 146 -1.71 -26.41 -2.87
N HIS A 147 -1.23 -27.40 -3.62
CA HIS A 147 0.20 -27.50 -3.91
C HIS A 147 0.36 -27.57 -5.43
N TYR A 148 1.07 -26.61 -6.01
CA TYR A 148 1.46 -26.70 -7.43
C TYR A 148 2.92 -26.99 -7.51
N HIS A 149 3.30 -27.89 -8.39
CA HIS A 149 4.69 -28.15 -8.61
C HIS A 149 4.93 -28.07 -10.14
N ILE A 150 5.97 -27.36 -10.56
CA ILE A 150 6.32 -27.25 -11.96
C ILE A 150 7.33 -28.33 -12.29
N ALA A 151 6.91 -29.27 -13.13
CA ALA A 151 7.78 -30.35 -13.54
C ALA A 151 8.24 -30.08 -14.97
N SER A 152 9.46 -30.47 -15.32
CA SER A 152 9.92 -30.26 -16.67
C SER A 152 10.38 -31.59 -17.23
N ASN A 153 10.07 -31.83 -18.49
CA ASN A 153 10.60 -33.05 -19.11
C ASN A 153 11.98 -32.95 -19.74
C ASN A 153 12.06 -32.77 -19.55
N LYS A 154 12.66 -31.82 -19.56
N LYS A 154 12.75 -33.76 -20.09
CA LYS A 154 14.06 -31.64 -20.01
CA LYS A 154 14.19 -33.58 -20.35
C LYS A 154 14.33 -31.42 -21.53
C LYS A 154 14.41 -32.77 -21.61
N MSE A 155 13.29 -31.53 -22.35
N MSE A 155 13.32 -32.33 -22.21
CA MSE A 155 13.15 -30.66 -23.52
CA MSE A 155 13.37 -31.80 -23.56
C MSE A 155 12.27 -29.54 -22.95
C MSE A 155 12.67 -30.45 -23.56
O MSE A 155 11.32 -29.07 -23.59
O MSE A 155 11.89 -30.11 -24.47
CB MSE A 155 12.47 -31.36 -24.71
CB MSE A 155 12.78 -32.86 -24.49
CG MSE A 155 13.35 -32.37 -25.47
CG MSE A 155 13.33 -34.25 -24.11
SE MSE A 155 15.03 -31.68 -26.23
SE MSE A 155 12.90 -35.81 -25.18
CE MSE A 155 14.28 -30.62 -27.68
CE MSE A 155 14.26 -35.66 -26.58
N GLY A 156 12.55 -29.17 -21.71
N GLY A 156 12.98 -29.70 -22.49
CA GLY A 156 11.78 -28.17 -21.01
CA GLY A 156 12.31 -28.47 -22.06
C GLY A 156 10.27 -27.99 -21.16
C GLY A 156 10.99 -28.74 -21.36
N MSE A 157 9.49 -28.94 -21.81
N MSE A 157 10.09 -27.77 -21.44
CA MSE A 157 7.96 -28.97 -21.69
CA MSE A 157 8.65 -28.08 -21.47
C MSE A 157 7.67 -28.95 -20.22
C MSE A 157 8.04 -28.61 -20.18
O MSE A 157 8.08 -29.87 -19.52
O MSE A 157 8.45 -29.64 -19.65
CB MSE A 157 7.17 -30.19 -22.31
CB MSE A 157 8.39 -29.01 -22.64
CG MSE A 157 5.61 -30.33 -21.76
CG MSE A 157 9.06 -28.47 -23.86
SE MSE A 157 4.11 -31.70 -22.25
SE MSE A 157 7.80 -27.93 -25.24
CE MSE A 157 4.56 -33.12 -21.00
CE MSE A 157 6.49 -26.94 -24.19
N ARG A 158 6.99 -27.92 -19.74
CA ARG A 158 6.65 -27.85 -18.36
C ARG A 158 5.19 -28.22 -18.14
N THR A 159 4.99 -29.04 -17.13
CA THR A 159 3.70 -29.49 -16.63
C THR A 159 3.49 -28.90 -15.24
N LEU A 160 2.30 -28.37 -15.01
CA LEU A 160 1.92 -27.97 -13.69
C LEU A 160 1.19 -29.17 -13.03
N LEU A 161 1.72 -29.67 -11.93
CA LEU A 161 1.11 -30.75 -11.13
C LEU A 161 0.37 -30.06 -10.00
N GLU A 162 -0.82 -30.54 -9.71
CA GLU A 162 -1.63 -29.94 -8.65
C GLU A 162 -2.20 -31.00 -7.70
N TRP A 163 -2.03 -30.74 -6.41
CA TRP A 163 -2.65 -31.58 -5.37
C TRP A 163 -3.42 -30.68 -4.41
N LYS A 164 -4.28 -31.30 -3.59
CA LYS A 164 -5.06 -30.59 -2.59
C LYS A 164 -4.40 -30.64 -1.22
N ILE A 165 -3.23 -31.27 -1.16
CA ILE A 165 -2.43 -31.29 0.06
C ILE A 165 -0.98 -31.16 -0.37
N CYS A 166 -0.08 -30.98 0.60
CA CYS A 166 1.33 -30.93 0.26
C CYS A 166 1.80 -32.32 -0.18
N ALA A 167 2.36 -32.41 -1.38
CA ALA A 167 2.94 -33.65 -1.86
C ALA A 167 4.42 -33.56 -1.54
N ASP A 168 4.85 -34.30 -0.53
CA ASP A 168 6.24 -34.17 -0.06
C ASP A 168 7.31 -34.57 -1.10
N ASP A 169 6.95 -35.46 -2.02
CA ASP A 169 7.85 -35.89 -3.09
CA ASP A 169 7.84 -35.87 -3.09
C ASP A 169 7.08 -35.69 -4.39
N PRO A 170 7.10 -34.46 -4.93
CA PRO A 170 6.20 -34.11 -6.06
C PRO A 170 6.37 -34.93 -7.35
N VAL A 171 7.59 -35.12 -7.84
CA VAL A 171 7.78 -35.91 -9.08
C VAL A 171 7.35 -37.36 -8.85
N LYS A 172 7.81 -37.98 -7.76
CA LYS A 172 7.37 -39.33 -7.37
C LYS A 172 5.83 -39.47 -7.17
N MSE A 173 5.16 -38.37 -6.79
CA MSE A 173 3.71 -38.38 -6.55
C MSE A 173 2.87 -37.78 -7.68
O MSE A 173 1.68 -37.44 -7.50
CB MSE A 173 3.39 -37.69 -5.22
CG MSE A 173 3.95 -38.42 -3.97
SE MSE A 173 3.70 -37.32 -2.40
CE MSE A 173 1.75 -37.14 -2.40
N ALA A 174 3.48 -37.63 -8.86
CA ALA A 174 2.82 -37.01 -10.01
C ALA A 174 1.58 -37.80 -10.44
N SER A 175 1.62 -39.14 -10.32
CA SER A 175 0.45 -39.96 -10.61
C SER A 175 -0.82 -39.66 -9.80
N SER A 176 -0.71 -39.02 -8.63
CA SER A 176 -1.90 -38.60 -7.90
C SER A 176 -2.27 -37.11 -8.11
N ALA A 177 -1.48 -36.42 -8.92
CA ALA A 177 -1.71 -35.01 -9.25
C ALA A 177 -2.68 -34.85 -10.42
N PHE A 178 -3.27 -33.66 -10.53
CA PHE A 178 -3.92 -33.25 -11.72
C PHE A 178 -2.83 -32.50 -12.51
N SER A 179 -2.62 -32.92 -13.75
CA SER A 179 -1.54 -32.39 -14.57
C SER A 179 -2.18 -31.48 -15.61
N SER A 180 -1.61 -30.28 -15.77
CA SER A 180 -1.98 -29.38 -16.87
C SER A 180 -0.75 -28.72 -17.47
N ILE A 181 -0.91 -28.24 -18.70
CA ILE A 181 0.19 -27.57 -19.34
C ILE A 181 0.51 -26.27 -18.56
N TYR A 182 1.79 -25.97 -18.40
CA TYR A 182 2.19 -24.74 -17.69
C TYR A 182 1.78 -23.54 -18.55
N THR A 183 1.08 -22.57 -17.95
CA THR A 183 0.50 -21.45 -18.68
CA THR A 183 0.49 -21.43 -18.68
C THR A 183 0.79 -20.14 -17.96
N LEU A 184 0.96 -19.06 -18.72
CA LEU A 184 1.19 -17.73 -18.15
C LEU A 184 0.26 -16.72 -18.77
N ASP A 185 0.02 -15.63 -18.03
CA ASP A 185 -0.65 -14.45 -18.61
C ASP A 185 0.35 -13.79 -19.56
N LYS A 186 -0.03 -13.54 -20.79
CA LYS A 186 0.92 -12.96 -21.74
C LYS A 186 1.38 -11.54 -21.36
N LYS A 187 0.65 -10.89 -20.45
CA LYS A 187 1.07 -9.56 -19.97
C LYS A 187 1.87 -9.63 -18.67
N VAL A 188 2.37 -10.83 -18.32
CA VAL A 188 3.01 -11.02 -17.04
C VAL A 188 4.17 -10.03 -16.83
N TYR A 189 4.95 -9.77 -17.88
CA TYR A 189 6.07 -8.82 -17.73
C TYR A 189 5.69 -7.34 -17.59
N ASP A 190 4.43 -7.01 -17.80
CA ASP A 190 3.95 -5.66 -17.51
C ASP A 190 3.86 -5.43 -16.00
N LEU A 191 3.92 -6.53 -15.25
CA LEU A 191 3.71 -6.52 -13.81
C LEU A 191 4.96 -6.92 -13.02
N TYR A 192 6.00 -7.35 -13.73
CA TYR A 192 7.16 -7.98 -13.12
C TYR A 192 8.40 -7.80 -13.98
N GLU A 193 9.54 -7.58 -13.34
CA GLU A 193 10.88 -7.56 -13.98
C GLU A 193 11.84 -8.33 -13.05
N SER A 194 12.62 -9.26 -13.60
CA SER A 194 13.60 -10.03 -12.79
C SER A 194 15.03 -9.50 -12.89
N ALA B 3 -17.85 26.25 -9.73
CA ALA B 3 -16.95 25.83 -8.61
C ALA B 3 -15.73 26.74 -8.50
N MSE B 4 -15.49 27.21 -7.27
CA MSE B 4 -14.44 28.17 -6.97
C MSE B 4 -13.26 27.48 -6.28
O MSE B 4 -13.43 26.40 -5.74
CB MSE B 4 -15.00 29.27 -6.07
CG MSE B 4 -14.29 30.58 -6.26
SE MSE B 4 -15.02 31.68 -7.72
CE MSE B 4 -15.88 30.30 -8.83
N ALA B 5 -12.06 28.09 -6.35
CA ALA B 5 -10.87 27.53 -5.70
C ALA B 5 -11.11 27.42 -4.21
N GLU B 6 -10.62 26.36 -3.58
CA GLU B 6 -10.92 26.25 -2.16
C GLU B 6 -9.79 25.53 -1.43
N ILE B 7 -9.85 25.54 -0.09
CA ILE B 7 -8.89 24.77 0.72
C ILE B 7 -9.57 23.51 1.31
N CYS B 8 -8.97 22.35 1.03
CA CYS B 8 -9.49 21.03 1.42
C CYS B 8 -8.52 20.41 2.40
N LEU B 9 -9.07 19.91 3.49
CA LEU B 9 -8.28 19.24 4.52
C LEU B 9 -8.59 17.73 4.58
N ILE B 10 -7.53 16.94 4.66
CA ILE B 10 -7.67 15.53 4.78
C ILE B 10 -6.87 15.04 6.02
N THR B 11 -7.53 14.35 6.94
CA THR B 11 -6.88 13.91 8.18
C THR B 11 -7.09 12.40 8.45
N GLY B 12 -6.31 11.87 9.35
CA GLY B 12 -6.38 10.45 9.67
C GLY B 12 -4.98 9.99 10.08
N THR B 13 -4.93 8.86 10.80
CA THR B 13 -3.67 8.31 11.31
C THR B 13 -2.76 7.84 10.14
N PRO B 14 -1.44 7.82 10.38
CA PRO B 14 -0.56 7.27 9.35
C PRO B 14 -1.02 5.88 8.98
N GLY B 15 -1.02 5.59 7.68
CA GLY B 15 -1.48 4.29 7.19
C GLY B 15 -3.00 4.21 7.00
N SER B 16 -3.75 5.26 7.32
CA SER B 16 -5.20 5.24 7.14
C SER B 16 -5.60 5.35 5.65
N GLY B 17 -4.69 5.81 4.78
CA GLY B 17 -5.04 6.00 3.38
C GLY B 17 -5.29 7.43 2.88
N LYS B 18 -4.70 8.41 3.56
CA LYS B 18 -4.86 9.80 3.10
C LYS B 18 -4.21 10.01 1.73
N THR B 19 -2.98 9.54 1.54
CA THR B 19 -2.33 9.76 0.24
C THR B 19 -3.03 9.08 -0.91
N LEU B 20 -3.42 7.83 -0.72
CA LEU B 20 -4.16 7.10 -1.76
C LEU B 20 -5.50 7.75 -2.06
N LYS B 21 -6.21 8.23 -1.04
CA LYS B 21 -7.42 9.03 -1.30
C LYS B 21 -7.12 10.28 -2.12
N MSE B 22 -6.02 10.98 -1.81
CA MSE B 22 -5.65 12.18 -2.58
C MSE B 22 -5.37 11.82 -4.04
O MSE B 22 -5.82 12.49 -4.99
CB MSE B 22 -4.45 12.86 -1.92
CG MSE B 22 -3.97 14.17 -2.57
SE MSE B 22 -5.26 15.62 -2.33
CE MSE B 22 -5.93 15.81 -4.18
N VAL B 23 -4.62 10.74 -4.23
CA VAL B 23 -4.27 10.29 -5.60
C VAL B 23 -5.53 9.88 -6.37
N SER B 24 -6.43 9.19 -5.69
CA SER B 24 -7.74 8.85 -6.27
C SER B 24 -8.51 10.09 -6.75
N MSE B 25 -8.50 11.17 -5.97
CA MSE B 25 -9.13 12.42 -6.40
C MSE B 25 -8.39 13.03 -7.61
O MSE B 25 -9.02 13.50 -8.54
CB MSE B 25 -9.18 13.42 -5.24
CG MSE B 25 -9.95 12.84 -4.02
SE MSE B 25 -9.63 13.91 -2.41
CE MSE B 25 -10.91 15.15 -2.93
N MSE B 26 -7.07 13.02 -7.57
CA MSE B 26 -6.29 13.50 -8.73
C MSE B 26 -6.65 12.71 -10.00
O MSE B 26 -6.69 13.28 -11.09
CB MSE B 26 -4.79 13.43 -8.46
CG MSE B 26 -4.35 14.26 -7.28
SE MSE B 26 -2.45 14.06 -7.09
CE MSE B 26 -1.89 15.33 -8.47
N ALA B 27 -6.92 11.42 -9.85
CA ALA B 27 -7.23 10.53 -10.98
C ALA B 27 -8.62 10.73 -11.52
N ASN B 28 -9.50 11.29 -10.70
CA ASN B 28 -10.92 11.34 -10.98
CA ASN B 28 -10.91 11.33 -11.05
C ASN B 28 -11.54 12.71 -11.14
N ASP B 29 -11.09 13.65 -10.32
CA ASP B 29 -11.80 14.93 -10.19
C ASP B 29 -11.54 15.91 -11.34
N GLU B 30 -12.57 16.70 -11.63
N GLU B 30 -12.56 16.70 -11.67
CA GLU B 30 -12.58 17.68 -12.72
CA GLU B 30 -12.48 17.62 -12.81
C GLU B 30 -11.40 18.66 -12.72
C GLU B 30 -11.32 18.62 -12.73
N MSE B 31 -11.05 19.18 -11.55
CA MSE B 31 -9.96 20.19 -11.44
C MSE B 31 -8.60 19.70 -11.92
O MSE B 31 -7.78 20.52 -12.32
CB MSE B 31 -9.88 20.82 -10.05
CG MSE B 31 -9.27 19.90 -8.99
SE MSE B 31 -8.66 20.95 -7.47
CE MSE B 31 -10.37 21.39 -6.70
N PHE B 32 -8.38 18.38 -11.95
CA PHE B 32 -7.12 17.80 -12.41
C PHE B 32 -7.07 17.41 -13.91
N LYS B 33 -8.18 17.55 -14.62
CA LYS B 33 -8.26 17.13 -16.02
C LYS B 33 -7.74 18.28 -16.90
N PRO B 34 -7.33 17.96 -18.14
CA PRO B 34 -6.92 19.05 -19.04
C PRO B 34 -8.07 20.00 -19.34
N ASP B 35 -7.75 21.28 -19.49
CA ASP B 35 -8.80 22.27 -19.74
C ASP B 35 -9.20 22.32 -21.24
N GLU B 36 -9.95 23.34 -21.64
CA GLU B 36 -10.39 23.43 -23.03
C GLU B 36 -9.22 23.60 -24.04
N ASN B 37 -8.01 23.90 -23.55
CA ASN B 37 -6.80 24.07 -24.36
C ASN B 37 -5.79 22.91 -24.25
N GLY B 38 -6.24 21.82 -23.66
CA GLY B 38 -5.42 20.61 -23.41
C GLY B 38 -4.46 20.77 -22.26
N ILE B 39 -4.62 21.81 -21.47
CA ILE B 39 -3.65 22.13 -20.44
C ILE B 39 -4.11 21.76 -19.02
N ARG B 40 -3.30 20.96 -18.34
CA ARG B 40 -3.59 20.64 -16.93
C ARG B 40 -3.00 21.69 -16.02
N ARG B 41 -3.74 22.01 -14.98
CA ARG B 41 -3.23 22.92 -13.96
C ARG B 41 -1.94 22.37 -13.34
N LYS B 42 -0.96 23.26 -13.16
CA LYS B 42 0.28 22.93 -12.51
C LYS B 42 -0.02 22.43 -11.08
N VAL B 43 0.64 21.35 -10.67
CA VAL B 43 0.50 20.76 -9.32
C VAL B 43 1.84 20.88 -8.59
N PHE B 44 1.80 21.46 -7.39
CA PHE B 44 2.97 21.53 -6.52
C PHE B 44 2.71 20.58 -5.37
N THR B 45 3.62 19.65 -5.12
CA THR B 45 3.44 18.70 -4.03
C THR B 45 4.76 18.16 -3.51
N ASN B 46 4.75 17.83 -2.21
CA ASN B 46 5.84 17.09 -1.59
C ASN B 46 5.56 15.58 -1.55
N ILE B 47 4.44 15.13 -2.11
CA ILE B 47 4.14 13.70 -2.11
C ILE B 47 5.17 13.01 -3.01
N LYS B 48 5.86 11.98 -2.49
CA LYS B 48 6.86 11.21 -3.25
C LYS B 48 6.23 9.99 -3.92
N GLY B 49 6.87 9.47 -4.94
CA GLY B 49 6.39 8.28 -5.62
C GLY B 49 5.14 8.53 -6.46
N LEU B 50 4.85 9.80 -6.70
CA LEU B 50 3.69 10.20 -7.50
C LEU B 50 4.06 10.19 -8.98
N LYS B 51 3.32 9.41 -9.77
CA LYS B 51 3.65 9.20 -11.19
C LYS B 51 3.03 10.23 -12.12
N ILE B 52 2.14 11.06 -11.63
CA ILE B 52 1.58 12.14 -12.46
C ILE B 52 2.50 13.36 -12.34
N PRO B 53 2.67 14.13 -13.44
CA PRO B 53 3.59 15.28 -13.47
C PRO B 53 3.23 16.36 -12.46
N HIS B 54 4.25 16.90 -11.79
CA HIS B 54 4.11 17.88 -10.73
C HIS B 54 5.50 18.44 -10.43
N THR B 55 5.53 19.50 -9.62
CA THR B 55 6.76 20.11 -9.19
C THR B 55 6.91 19.78 -7.70
N TYR B 56 8.09 19.34 -7.30
CA TYR B 56 8.34 19.06 -5.90
C TYR B 56 8.46 20.37 -5.13
N ILE B 57 7.91 20.39 -3.91
CA ILE B 57 8.17 21.49 -2.97
C ILE B 57 8.73 20.91 -1.64
N GLU B 58 9.77 21.57 -1.12
CA GLU B 58 10.44 21.19 0.12
C GLU B 58 9.70 21.74 1.32
N THR B 59 9.24 20.87 2.20
CA THR B 59 8.53 21.30 3.41
C THR B 59 9.38 21.34 4.69
N ASP B 60 10.59 20.78 4.66
CA ASP B 60 11.46 20.80 5.84
C ASP B 60 12.28 22.09 5.83
N ALA B 61 11.90 23.02 6.70
CA ALA B 61 12.56 24.33 6.76
C ALA B 61 14.04 24.25 7.13
N LYS B 62 14.48 23.08 7.58
CA LYS B 62 15.89 22.87 7.91
C LYS B 62 16.71 22.33 6.73
N LYS B 63 16.03 21.91 5.67
CA LYS B 63 16.69 21.54 4.41
C LYS B 63 16.62 22.69 3.41
N LEU B 64 15.47 23.36 3.35
CA LEU B 64 15.28 24.53 2.48
C LEU B 64 14.33 25.54 3.13
N PRO B 65 14.88 26.50 3.90
CA PRO B 65 14.05 27.53 4.54
C PRO B 65 13.52 28.59 3.57
N LYS B 66 14.15 28.67 2.40
CA LYS B 66 13.96 29.74 1.47
C LYS B 66 14.05 29.14 0.09
N SER B 67 12.88 29.55 -0.87
CA SER B 67 13.07 29.11 -2.25
C SER B 67 14.28 29.88 -2.82
N THR B 68 14.70 29.45 -4.02
CA THR B 68 15.67 30.19 -4.85
C THR B 68 14.91 30.43 -6.21
N ASP B 69 15.56 30.94 -7.28
CA ASP B 69 14.87 30.75 -8.60
C ASP B 69 15.22 29.41 -9.33
N GLU B 70 15.73 28.48 -8.44
CA GLU B 70 15.89 27.06 -8.79
C GLU B 70 14.88 26.17 -7.99
N GLN B 71 15.25 25.78 -6.75
CA GLN B 71 14.42 24.84 -5.95
C GLN B 71 13.39 25.55 -5.09
N LEU B 72 12.21 24.94 -4.98
CA LEU B 72 11.14 25.56 -4.25
C LEU B 72 11.04 25.02 -2.85
N SER B 73 10.90 25.95 -1.92
CA SER B 73 10.59 25.65 -0.53
C SER B 73 9.14 26.02 -0.33
N ALA B 74 8.43 25.21 0.45
CA ALA B 74 7.02 25.47 0.73
C ALA B 74 6.92 26.70 1.62
N HIS B 75 8.02 27.01 2.32
CA HIS B 75 8.04 28.08 3.34
C HIS B 75 7.98 29.49 2.80
N ASP B 76 8.28 29.66 1.51
CA ASP B 76 8.08 30.97 0.91
C ASP B 76 7.17 30.86 -0.30
N MSE B 77 6.18 29.97 -0.19
CA MSE B 77 5.13 29.85 -1.16
C MSE B 77 4.47 31.20 -1.39
O MSE B 77 4.11 31.51 -2.52
CB MSE B 77 4.09 28.83 -0.70
CG MSE B 77 3.07 28.48 -1.77
SE MSE B 77 1.95 27.06 -1.04
CE MSE B 77 3.34 25.82 -0.43
N TYR B 78 4.31 31.98 -0.31
CA TYR B 78 3.68 33.29 -0.41
C TYR B 78 4.31 34.20 -1.49
N GLU B 79 5.58 33.94 -1.81
CA GLU B 79 6.29 34.67 -2.85
C GLU B 79 6.08 34.04 -4.23
N TRP B 80 6.59 32.81 -4.44
CA TRP B 80 6.54 32.21 -5.78
C TRP B 80 5.16 31.85 -6.30
N ILE B 81 4.21 31.54 -5.41
CA ILE B 81 2.83 31.24 -5.85
C ILE B 81 2.18 32.43 -6.58
N LYS B 82 2.78 33.63 -6.43
CA LYS B 82 2.26 34.85 -7.08
C LYS B 82 2.84 35.09 -8.48
N LYS B 83 3.87 34.28 -8.86
CA LYS B 83 4.48 34.45 -10.19
C LYS B 83 3.41 34.17 -11.28
N PRO B 84 3.39 34.99 -12.37
CA PRO B 84 2.35 34.86 -13.43
C PRO B 84 2.22 33.41 -13.88
N GLU B 85 3.40 32.69 -14.14
CA GLU B 85 3.36 31.30 -14.53
C GLU B 85 2.73 30.35 -13.47
N ASN B 86 2.54 30.83 -12.25
CA ASN B 86 2.00 29.95 -11.16
C ASN B 86 0.55 30.18 -10.69
N ILE B 87 -0.09 31.27 -11.16
CA ILE B 87 -1.52 31.45 -10.84
C ILE B 87 -2.34 30.30 -11.44
N GLY B 88 -3.42 29.96 -10.75
CA GLY B 88 -4.31 28.88 -11.14
C GLY B 88 -3.75 27.51 -10.82
N SER B 89 -2.68 27.42 -10.02
CA SER B 89 -2.10 26.12 -9.71
C SER B 89 -2.83 25.35 -8.57
N ILE B 90 -2.36 24.15 -8.30
CA ILE B 90 -2.93 23.30 -7.28
C ILE B 90 -1.76 22.96 -6.40
N VAL B 91 -1.96 23.14 -5.10
CA VAL B 91 -0.91 22.86 -4.12
C VAL B 91 -1.40 21.70 -3.21
N ILE B 92 -0.58 20.67 -3.05
CA ILE B 92 -0.95 19.50 -2.23
C ILE B 92 0.18 19.26 -1.22
N VAL B 93 -0.11 19.50 0.05
CA VAL B 93 0.91 19.44 1.10
C VAL B 93 0.64 18.29 2.06
N ASP B 94 1.47 17.26 1.95
CA ASP B 94 1.42 16.16 2.89
C ASP B 94 2.15 16.57 4.18
N GLU B 95 1.60 16.11 5.31
CA GLU B 95 2.09 16.45 6.64
C GLU B 95 2.24 17.97 6.76
N ALA B 96 1.11 18.65 6.52
CA ALA B 96 1.10 20.09 6.34
C ALA B 96 1.49 20.90 7.59
N GLN B 97 1.54 20.25 8.77
CA GLN B 97 1.97 20.91 10.02
C GLN B 97 3.45 21.35 9.91
N ASP B 98 4.16 20.82 8.91
CA ASP B 98 5.56 21.18 8.70
C ASP B 98 5.68 22.57 8.10
N VAL B 99 4.57 23.01 7.49
CA VAL B 99 4.48 24.26 6.75
C VAL B 99 3.64 25.28 7.54
N TRP B 100 2.50 24.83 8.06
CA TRP B 100 1.52 25.67 8.73
C TRP B 100 1.13 25.07 10.10
N PRO B 101 2.09 25.06 11.03
CA PRO B 101 1.81 24.41 12.29
C PRO B 101 0.89 25.27 13.15
N ALA B 102 0.23 24.66 14.13
CA ALA B 102 -0.47 25.40 15.17
C ALA B 102 0.48 26.46 15.79
N ARG B 103 -0.03 27.67 15.99
CA ARG B 103 0.75 28.77 16.54
C ARG B 103 0.26 29.22 17.90
N SER B 104 1.15 29.85 18.67
CA SER B 104 0.80 30.35 20.00
C SER B 104 -0.23 31.49 19.96
N ALA B 105 -0.71 31.85 21.15
CA ALA B 105 -1.75 32.87 21.33
C ALA B 105 -1.24 34.31 21.13
N GLY B 106 -1.82 35.00 20.16
CA GLY B 106 -1.52 36.42 19.91
C GLY B 106 -0.19 36.66 19.23
N SER B 107 0.35 35.61 18.63
CA SER B 107 1.56 35.72 17.83
C SER B 107 1.21 36.30 16.47
N LYS B 108 2.15 37.04 15.88
CA LYS B 108 1.99 37.58 14.55
C LYS B 108 1.60 36.47 13.57
N ILE B 109 0.69 36.81 12.66
CA ILE B 109 0.30 35.91 11.58
C ILE B 109 1.43 35.93 10.57
N PRO B 110 2.10 34.79 10.37
CA PRO B 110 3.30 34.73 9.52
C PRO B 110 2.97 35.05 8.06
N GLU B 111 3.99 35.43 7.29
CA GLU B 111 3.77 35.81 5.90
C GLU B 111 3.20 34.65 5.07
N ASN B 112 3.72 33.45 5.32
CA ASN B 112 3.31 32.27 4.58
C ASN B 112 1.91 31.79 4.95
N VAL B 113 1.28 32.48 5.91
CA VAL B 113 -0.12 32.23 6.31
C VAL B 113 -1.03 33.38 5.88
N GLN B 114 -0.51 34.61 5.97
CA GLN B 114 -1.29 35.81 5.68
C GLN B 114 -2.00 35.69 4.31
N TRP B 115 -1.24 35.29 3.29
CA TRP B 115 -1.74 35.16 1.90
C TRP B 115 -2.86 34.16 1.67
N LEU B 116 -2.98 33.16 2.56
CA LEU B 116 -3.95 32.08 2.37
C LEU B 116 -5.37 32.58 2.23
N ASN B 117 -5.72 33.62 2.96
CA ASN B 117 -7.09 34.10 2.93
CA ASN B 117 -7.05 34.22 2.96
C ASN B 117 -7.50 34.74 1.58
N THR B 118 -6.54 34.99 0.69
CA THR B 118 -6.87 35.51 -0.63
C THR B 118 -6.45 34.60 -1.79
N HIS B 119 -6.37 33.30 -1.51
CA HIS B 119 -5.79 32.35 -2.44
C HIS B 119 -6.70 32.20 -3.67
N ARG B 120 -7.99 32.52 -3.49
CA ARG B 120 -8.98 32.45 -4.57
C ARG B 120 -8.74 33.50 -5.66
N HIS B 121 -7.99 34.55 -5.30
CA HIS B 121 -7.64 35.63 -6.24
C HIS B 121 -6.78 35.07 -7.37
N GLN B 122 -5.85 34.20 -7.01
CA GLN B 122 -4.95 33.54 -7.94
C GLN B 122 -5.47 32.19 -8.45
N GLY B 123 -6.68 31.81 -8.05
CA GLY B 123 -7.26 30.55 -8.44
C GLY B 123 -6.45 29.35 -7.95
N ILE B 124 -5.84 29.46 -6.77
CA ILE B 124 -5.05 28.37 -6.17
C ILE B 124 -5.95 27.45 -5.36
N ASP B 125 -5.96 26.17 -5.69
CA ASP B 125 -6.63 25.19 -4.87
C ASP B 125 -5.59 24.52 -4.00
N ILE B 126 -5.95 24.26 -2.75
CA ILE B 126 -4.96 23.82 -1.78
C ILE B 126 -5.54 22.62 -1.08
N PHE B 127 -4.73 21.57 -0.99
CA PHE B 127 -5.07 20.39 -0.24
C PHE B 127 -4.03 20.26 0.84
N VAL B 128 -4.48 20.13 2.08
CA VAL B 128 -3.53 19.87 3.17
C VAL B 128 -3.87 18.56 3.86
N LEU B 129 -2.87 17.68 4.01
CA LEU B 129 -3.03 16.39 4.62
C LEU B 129 -2.26 16.45 5.94
N THR B 130 -2.86 15.92 7.01
CA THR B 130 -2.15 15.82 8.25
C THR B 130 -2.80 14.74 9.12
N GLN B 131 -2.14 14.44 10.24
CA GLN B 131 -2.69 13.44 11.16
C GLN B 131 -3.86 13.90 11.95
N GLY B 132 -3.93 15.19 12.26
CA GLY B 132 -5.04 15.70 13.09
C GLY B 132 -5.12 17.18 12.84
N PRO B 133 -6.35 17.76 12.83
CA PRO B 133 -6.49 19.16 12.47
C PRO B 133 -5.75 20.07 13.45
N LYS B 134 -5.72 19.71 14.73
CA LYS B 134 -5.10 20.59 15.74
C LYS B 134 -3.57 20.72 15.62
N LEU B 135 -2.97 19.92 14.76
CA LEU B 135 -1.55 20.18 14.36
C LEU B 135 -1.34 21.40 13.45
N LEU B 136 -2.44 21.96 12.90
CA LEU B 136 -2.37 23.03 11.88
C LEU B 136 -2.74 24.42 12.43
N ASP B 137 -2.19 25.46 11.78
CA ASP B 137 -2.50 26.86 12.12
C ASP B 137 -4.04 27.05 12.13
N GLN B 138 -4.58 27.70 13.18
CA GLN B 138 -6.02 27.94 13.26
CA GLN B 138 -6.00 28.02 13.31
C GLN B 138 -6.49 28.88 12.15
N ASN B 139 -5.59 29.75 11.66
CA ASN B 139 -5.93 30.64 10.56
C ASN B 139 -6.09 29.88 9.24
N LEU B 140 -5.31 28.81 9.07
CA LEU B 140 -5.52 27.89 7.95
C LEU B 140 -6.82 27.09 8.13
N ARG B 141 -7.03 26.54 9.33
CA ARG B 141 -8.25 25.79 9.58
C ARG B 141 -9.53 26.57 9.31
N THR B 142 -9.54 27.85 9.69
CA THR B 142 -10.75 28.67 9.51
CA THR B 142 -10.74 28.67 9.52
C THR B 142 -11.12 28.85 8.03
N LEU B 143 -10.15 28.70 7.13
CA LEU B 143 -10.40 28.80 5.67
C LEU B 143 -10.85 27.50 4.96
N VAL B 144 -10.75 26.37 5.65
CA VAL B 144 -11.10 25.08 5.08
C VAL B 144 -12.60 25.04 4.71
N ARG B 145 -12.92 24.61 3.50
CA ARG B 145 -14.32 24.47 3.06
C ARG B 145 -14.71 23.04 2.75
N LYS B 146 -13.82 22.10 3.02
CA LYS B 146 -14.13 20.67 2.85
C LYS B 146 -13.12 19.92 3.72
N HIS B 147 -13.60 19.11 4.65
CA HIS B 147 -12.72 18.34 5.53
C HIS B 147 -13.13 16.89 5.45
N TYR B 148 -12.19 16.02 5.05
CA TYR B 148 -12.40 14.59 5.06
C TYR B 148 -11.54 14.00 6.16
N HIS B 149 -12.12 13.11 6.97
CA HIS B 149 -11.33 12.36 7.93
C HIS B 149 -11.54 10.86 7.71
N ILE B 150 -10.45 10.10 7.72
CA ILE B 150 -10.55 8.67 7.58
C ILE B 150 -10.51 8.06 8.96
N ALA B 151 -11.59 7.41 9.32
CA ALA B 151 -11.69 6.72 10.59
C ALA B 151 -11.65 5.21 10.40
N SER B 152 -11.07 4.48 11.34
CA SER B 152 -11.19 3.04 11.28
C SER B 152 -11.87 2.50 12.54
N ASN B 153 -12.65 1.43 12.36
CA ASN B 153 -13.30 0.74 13.49
C ASN B 153 -12.37 -0.34 14.04
N LYS B 154 -11.17 -0.39 13.47
CA LYS B 154 -10.13 -1.34 13.83
C LYS B 154 -10.62 -2.79 13.88
N MSE B 155 -11.64 -3.06 13.06
CA MSE B 155 -12.05 -4.44 12.77
CA MSE B 155 -12.17 -4.39 12.78
C MSE B 155 -12.21 -4.56 11.25
O MSE B 155 -13.08 -5.27 10.70
CB MSE B 155 -13.33 -4.82 13.52
CB MSE B 155 -13.59 -4.50 13.33
CG MSE B 155 -13.52 -6.33 13.69
CG MSE B 155 -13.74 -5.25 14.63
SE MSE B 155 -12.03 -7.31 14.52
SE MSE B 155 -15.26 -4.70 15.74
CE MSE B 155 -11.13 -8.04 12.95
CE MSE B 155 -16.23 -3.51 14.55
N GLY B 156 -11.29 -3.89 10.57
CA GLY B 156 -11.35 -3.76 9.13
C GLY B 156 -11.73 -2.33 8.81
N MSE B 157 -13.05 -2.11 8.69
CA MSE B 157 -13.67 -0.97 8.01
C MSE B 157 -13.10 0.46 8.20
O MSE B 157 -13.08 1.02 9.31
CB MSE B 157 -15.22 -0.96 8.25
CG MSE B 157 -16.05 0.16 7.52
SE MSE B 157 -18.03 0.08 7.84
CE MSE B 157 -18.09 1.01 9.54
N ARG B 158 -12.73 1.06 7.09
CA ARG B 158 -12.45 2.49 7.08
C ARG B 158 -13.63 3.27 6.56
N THR B 159 -13.96 4.31 7.31
CA THR B 159 -15.03 5.21 7.01
C THR B 159 -14.49 6.58 6.66
N LEU B 160 -15.01 7.17 5.59
CA LEU B 160 -14.64 8.51 5.24
C LEU B 160 -15.69 9.48 5.85
N LEU B 161 -15.29 10.40 6.74
CA LEU B 161 -16.20 11.36 7.31
C LEU B 161 -16.00 12.68 6.58
N GLU B 162 -17.08 13.39 6.28
CA GLU B 162 -16.95 14.64 5.51
C GLU B 162 -17.74 15.78 6.21
N TRP B 163 -17.08 16.92 6.35
CA TRP B 163 -17.74 18.14 6.81
C TRP B 163 -17.44 19.28 5.83
N LYS B 164 -18.21 20.36 5.93
CA LYS B 164 -18.05 21.52 5.08
C LYS B 164 -17.16 22.58 5.73
N ILE B 165 -16.81 22.38 6.99
CA ILE B 165 -15.80 23.22 7.64
C ILE B 165 -14.83 22.29 8.40
N CYS B 166 -13.70 22.81 8.86
CA CYS B 166 -12.77 21.98 9.63
C CYS B 166 -13.44 21.46 10.91
N ALA B 167 -13.50 20.15 11.07
CA ALA B 167 -13.96 19.55 12.33
C ALA B 167 -12.74 19.37 13.26
N ASP B 168 -12.60 20.18 14.31
CA ASP B 168 -11.30 20.15 15.06
C ASP B 168 -11.07 18.82 15.79
N ASP B 169 -12.17 18.15 16.16
CA ASP B 169 -12.17 16.89 16.87
CA ASP B 169 -12.10 16.84 16.80
C ASP B 169 -12.96 15.87 16.02
N PRO B 170 -12.35 15.32 14.98
CA PRO B 170 -13.11 14.54 13.99
C PRO B 170 -13.87 13.34 14.52
N VAL B 171 -13.24 12.50 15.34
CA VAL B 171 -13.95 11.31 15.81
C VAL B 171 -15.09 11.77 16.73
N LYS B 172 -14.83 12.74 17.58
CA LYS B 172 -15.87 13.26 18.46
C LYS B 172 -17.06 13.87 17.69
N MSE B 173 -16.77 14.48 16.54
CA MSE B 173 -17.74 15.22 15.72
C MSE B 173 -18.29 14.39 14.54
O MSE B 173 -18.95 14.93 13.64
CB MSE B 173 -17.08 16.50 15.18
CG MSE B 173 -16.77 17.51 16.30
SE MSE B 173 -15.81 19.04 15.64
CE MSE B 173 -15.79 20.11 17.27
N ALA B 174 -18.03 13.09 14.58
CA ALA B 174 -18.48 12.20 13.53
C ALA B 174 -20.01 12.29 13.30
N SER B 175 -20.78 12.59 14.36
CA SER B 175 -22.25 12.60 14.24
C SER B 175 -22.76 13.79 13.45
N SER B 176 -21.92 14.78 13.22
CA SER B 176 -22.26 15.85 12.30
C SER B 176 -21.64 15.68 10.87
N ALA B 177 -20.94 14.58 10.66
CA ALA B 177 -20.30 14.38 9.34
C ALA B 177 -21.25 13.64 8.40
N PHE B 178 -20.93 13.63 7.11
CA PHE B 178 -21.57 12.67 6.24
C PHE B 178 -20.59 11.52 6.18
N SER B 179 -21.06 10.29 6.43
CA SER B 179 -20.16 9.12 6.38
C SER B 179 -20.40 8.36 5.12
N SER B 180 -19.31 7.78 4.63
CA SER B 180 -19.37 6.91 3.49
C SER B 180 -18.21 5.90 3.57
N ILE B 181 -18.36 4.74 2.93
CA ILE B 181 -17.30 3.74 3.00
C ILE B 181 -16.06 4.26 2.28
N TYR B 182 -14.86 3.96 2.81
CA TYR B 182 -13.64 4.47 2.14
C TYR B 182 -13.52 3.79 0.78
N THR B 183 -13.36 4.61 -0.25
CA THR B 183 -13.41 4.16 -1.65
C THR B 183 -12.24 4.70 -2.46
N LEU B 184 -11.71 3.88 -3.38
CA LEU B 184 -10.67 4.32 -4.27
C LEU B 184 -11.03 4.04 -5.73
N ASP B 185 -10.54 4.89 -6.62
CA ASP B 185 -10.53 4.59 -8.06
C ASP B 185 -9.58 3.41 -8.30
N LYS B 186 -10.01 2.40 -9.06
CA LYS B 186 -9.17 1.22 -9.33
C LYS B 186 -7.81 1.58 -9.93
N LYS B 187 -7.75 2.71 -10.62
CA LYS B 187 -6.51 3.07 -11.28
C LYS B 187 -5.56 3.96 -10.47
N VAL B 188 -5.80 4.10 -9.17
CA VAL B 188 -4.98 4.95 -8.33
CA VAL B 188 -4.96 4.95 -8.33
C VAL B 188 -3.48 4.61 -8.43
N TYR B 189 -3.15 3.33 -8.34
CA TYR B 189 -1.74 2.96 -8.34
C TYR B 189 -1.09 3.01 -9.72
N ASP B 190 -1.90 3.10 -10.76
CA ASP B 190 -1.38 3.48 -12.08
C ASP B 190 -0.69 4.85 -11.98
N LEU B 191 -0.93 5.56 -10.87
CA LEU B 191 -0.40 6.91 -10.69
C LEU B 191 0.51 7.05 -9.46
N TYR B 192 0.71 5.97 -8.71
CA TYR B 192 1.35 6.05 -7.38
C TYR B 192 2.20 4.82 -6.97
N GLU B 193 3.24 5.07 -6.18
CA GLU B 193 4.12 4.01 -5.67
C GLU B 193 4.32 4.09 -4.14
S SO4 C . 11.74 -19.54 -10.66
O1 SO4 C . 12.98 -19.57 -9.99
O2 SO4 C . 11.86 -19.39 -12.07
O3 SO4 C . 11.00 -18.45 -10.04
O4 SO4 C . 11.09 -20.83 -10.39
S SO4 D . -1.51 7.68 4.88
O1 SO4 D . -2.69 8.19 5.61
O2 SO4 D . -0.33 7.87 5.69
O3 SO4 D . -1.27 8.48 3.72
O4 SO4 D . -1.79 6.30 4.60
#